data_4GXO
#
_entry.id   4GXO
#
_cell.length_a   45.442
_cell.length_b   55.792
_cell.length_c   119.260
_cell.angle_alpha   90.00
_cell.angle_beta   90.00
_cell.angle_gamma   90.00
#
_symmetry.space_group_name_H-M   'P 21 21 21'
#
loop_
_entity.id
_entity.type
_entity.pdbx_description
1 polymer 'MarR family regulatory protein'
2 non-polymer GLYCEROL
3 water water
#
_entity_poly.entity_id   1
_entity_poly.type   'polypeptide(L)'
_entity_poly.pdbx_seq_one_letter_code
;GSHMYLSKQLEFLFYVSSKEIIKKYTNYLKEYDLTYTGYIVLMAIENDEKLNIKKLGERVFLDSGTLTPLLKKLEKKDYV
VRTREEKDERNLQISLTEQGKAIKSPLAEISVKVFNEFNISEREASDIINNLRNFVSKNF
;
_entity_poly.pdbx_strand_id   A,B
#
loop_
_chem_comp.id
_chem_comp.type
_chem_comp.name
_chem_comp.formula
GOL non-polymer GLYCEROL 'C3 H8 O3'
#
# COMPACT_ATOMS: atom_id res chain seq x y z
N GLY A 1 -20.99 15.84 13.13
CA GLY A 1 -19.60 16.38 13.17
C GLY A 1 -18.56 15.29 13.35
N SER A 2 -17.29 15.69 13.36
CA SER A 2 -16.17 14.77 13.48
C SER A 2 -15.90 13.90 12.25
N HIS A 3 -16.76 13.92 11.22
CA HIS A 3 -16.52 13.11 10.01
C HIS A 3 -15.25 13.53 9.26
N MET A 4 -15.07 14.83 9.06
CA MET A 4 -13.85 15.35 8.47
C MET A 4 -12.65 14.94 9.32
N TYR A 5 -12.71 15.25 10.62
CA TYR A 5 -11.64 14.92 11.54
C TYR A 5 -11.30 13.41 11.52
N LEU A 6 -12.33 12.58 11.63
CA LEU A 6 -12.15 11.13 11.71
C LEU A 6 -11.54 10.57 10.45
N SER A 7 -11.96 11.08 9.29
CA SER A 7 -11.49 10.58 8.00
C SER A 7 -10.01 10.90 7.77
N LYS A 8 -9.56 12.06 8.24
CA LYS A 8 -8.13 12.43 8.20
C LYS A 8 -7.27 11.55 9.10
N GLN A 9 -7.76 11.25 10.31
CA GLN A 9 -7.06 10.36 11.22
C GLN A 9 -6.94 8.97 10.62
N LEU A 10 -8.06 8.48 10.09
CA LEU A 10 -8.10 7.16 9.48
C LEU A 10 -7.14 7.09 8.31
N GLU A 11 -7.18 8.09 7.43
CA GLU A 11 -6.29 8.12 6.27
C GLU A 11 -4.83 8.05 6.71
N PHE A 12 -4.47 8.92 7.64
CA PHE A 12 -3.10 8.99 8.15
C PHE A 12 -2.65 7.68 8.76
N LEU A 13 -3.45 7.15 9.68
CA LEU A 13 -3.09 5.94 10.43
C LEU A 13 -3.05 4.67 9.57
N PHE A 14 -3.95 4.54 8.60
CA PHE A 14 -3.86 3.43 7.65
C PHE A 14 -2.60 3.56 6.78
N TYR A 15 -2.25 4.79 6.40
CA TYR A 15 -1.06 5.04 5.59
C TYR A 15 0.22 4.70 6.36
N VAL A 16 0.34 5.20 7.59
CA VAL A 16 1.55 4.99 8.36
C VAL A 16 1.68 3.53 8.87
N SER A 17 0.59 2.87 9.23
N SER A 17 0.56 2.89 9.24
CA SER A 17 0.66 1.46 9.67
CA SER A 17 0.56 1.47 9.64
C SER A 17 1.09 0.56 8.51
C SER A 17 1.09 0.60 8.51
N SER A 18 0.57 0.84 7.31
CA SER A 18 0.96 0.11 6.12
C SER A 18 2.47 0.30 5.83
N LYS A 19 2.97 1.53 5.92
CA LYS A 19 4.41 1.76 5.73
C LYS A 19 5.27 1.03 6.80
N GLU A 20 4.83 1.07 8.05
CA GLU A 20 5.59 0.42 9.13
C GLU A 20 5.62 -1.09 8.95
N ILE A 21 4.47 -1.64 8.56
CA ILE A 21 4.36 -3.07 8.33
C ILE A 21 5.27 -3.52 7.17
N ILE A 22 5.15 -2.85 6.03
CA ILE A 22 5.89 -3.23 4.84
C ILE A 22 7.40 -3.12 5.07
N LYS A 23 7.83 -2.11 5.82
CA LYS A 23 9.23 -1.94 6.19
C LYS A 23 9.74 -3.20 6.91
N LYS A 24 8.97 -3.71 7.85
CA LYS A 24 9.38 -4.91 8.60
C LYS A 24 9.41 -6.15 7.72
N TYR A 25 8.42 -6.32 6.84
CA TYR A 25 8.46 -7.46 5.90
C TYR A 25 9.67 -7.39 5.00
N THR A 26 9.97 -6.19 4.48
CA THR A 26 11.10 -5.98 3.58
C THR A 26 12.42 -6.41 4.22
N ASN A 27 12.63 -6.01 5.47
CA ASN A 27 13.79 -6.47 6.24
C ASN A 27 13.94 -8.00 6.20
N TYR A 28 12.91 -8.73 6.64
CA TYR A 28 12.97 -10.19 6.64
C TYR A 28 13.05 -10.82 5.24
N LEU A 29 12.58 -10.11 4.21
CA LEU A 29 12.60 -10.66 2.85
C LEU A 29 13.95 -10.45 2.11
N LYS A 30 14.87 -9.69 2.70
CA LYS A 30 16.19 -9.49 2.09
C LYS A 30 16.84 -10.85 1.83
N GLU A 31 16.94 -11.66 2.89
N GLU A 31 16.99 -11.63 2.91
CA GLU A 31 17.49 -13.01 2.84
CA GLU A 31 17.44 -13.03 2.85
C GLU A 31 17.04 -13.81 1.60
C GLU A 31 17.06 -13.75 1.55
N TYR A 32 15.77 -13.67 1.22
CA TYR A 32 15.20 -14.44 0.14
C TYR A 32 15.24 -13.75 -1.22
N ASP A 33 15.82 -12.55 -1.28
CA ASP A 33 15.81 -11.73 -2.49
C ASP A 33 14.39 -11.62 -3.06
N LEU A 34 13.43 -11.37 -2.18
CA LEU A 34 12.06 -11.12 -2.61
C LEU A 34 11.66 -9.73 -2.17
N THR A 35 10.86 -9.07 -3.01
CA THR A 35 10.19 -7.83 -2.63
C THR A 35 8.95 -8.21 -1.85
N TYR A 36 8.37 -7.25 -1.14
CA TYR A 36 7.11 -7.47 -0.41
C TYR A 36 6.00 -7.92 -1.33
N THR A 37 5.86 -7.26 -2.48
CA THR A 37 4.82 -7.65 -3.44
C THR A 37 5.06 -9.05 -4.00
N GLY A 38 6.33 -9.41 -4.19
CA GLY A 38 6.70 -10.78 -4.54
C GLY A 38 6.20 -11.80 -3.53
N TYR A 39 6.47 -11.55 -2.26
CA TYR A 39 6.00 -12.36 -1.12
C TYR A 39 4.48 -12.50 -1.13
N ILE A 40 3.79 -11.39 -1.37
CA ILE A 40 2.33 -11.39 -1.33
C ILE A 40 1.76 -12.24 -2.48
N VAL A 41 2.39 -12.18 -3.65
CA VAL A 41 1.90 -12.97 -4.79
C VAL A 41 2.10 -14.46 -4.57
N LEU A 42 3.26 -14.85 -4.06
CA LEU A 42 3.55 -16.25 -3.78
C LEU A 42 2.59 -16.90 -2.79
N MET A 43 2.24 -16.16 -1.73
CA MET A 43 1.36 -16.66 -0.69
C MET A 43 -0.06 -16.69 -1.17
N ALA A 44 -0.43 -15.77 -2.05
CA ALA A 44 -1.81 -15.72 -2.56
C ALA A 44 -2.16 -16.90 -3.48
N ILE A 45 -1.16 -17.46 -4.15
CA ILE A 45 -1.38 -18.60 -5.04
C ILE A 45 -1.38 -19.88 -4.22
N GLU A 46 -2.53 -20.54 -4.13
CA GLU A 46 -2.61 -21.82 -3.43
C GLU A 46 -1.75 -22.83 -4.18
N ASN A 47 -1.12 -23.73 -3.44
CA ASN A 47 -0.09 -24.63 -4.00
C ASN A 47 -0.46 -25.34 -5.32
N ASP A 48 -1.73 -25.69 -5.49
CA ASP A 48 -2.14 -26.49 -6.65
C ASP A 48 -3.25 -25.80 -7.42
N GLU A 49 -3.01 -24.54 -7.75
CA GLU A 49 -4.02 -23.66 -8.33
C GLU A 49 -3.55 -23.11 -9.68
N LYS A 50 -4.51 -22.83 -10.55
CA LYS A 50 -4.24 -22.17 -11.84
C LYS A 50 -5.17 -20.97 -11.92
N LEU A 51 -4.63 -19.80 -12.29
CA LEU A 51 -5.50 -18.62 -12.37
C LEU A 51 -5.03 -17.57 -13.36
N ASN A 52 -5.97 -16.71 -13.78
CA ASN A 52 -5.71 -15.63 -14.72
C ASN A 52 -4.96 -14.50 -14.04
N ILE A 53 -4.20 -13.74 -14.83
CA ILE A 53 -3.55 -12.53 -14.33
C ILE A 53 -4.60 -11.50 -13.90
N LYS A 54 -5.75 -11.53 -14.56
CA LYS A 54 -6.92 -10.76 -14.12
C LYS A 54 -7.31 -11.14 -12.69
N LYS A 55 -7.53 -12.43 -12.46
CA LYS A 55 -8.04 -12.92 -11.19
C LYS A 55 -7.00 -12.79 -10.07
N LEU A 56 -5.74 -13.11 -10.38
CA LEU A 56 -4.66 -12.93 -9.42
C LEU A 56 -4.53 -11.45 -9.07
N GLY A 57 -4.67 -10.58 -10.06
CA GLY A 57 -4.67 -9.12 -9.87
C GLY A 57 -5.78 -8.62 -8.98
N GLU A 58 -6.97 -9.19 -9.12
CA GLU A 58 -8.10 -8.94 -8.21
C GLU A 58 -7.68 -9.25 -6.78
N ARG A 59 -7.19 -10.47 -6.58
CA ARG A 59 -6.89 -10.99 -5.26
C ARG A 59 -5.86 -10.15 -4.51
N VAL A 60 -4.79 -9.74 -5.17
CA VAL A 60 -3.73 -8.99 -4.51
C VAL A 60 -3.79 -7.50 -4.80
N PHE A 61 -4.84 -7.05 -5.48
CA PHE A 61 -5.09 -5.63 -5.76
C PHE A 61 -3.93 -5.01 -6.55
N LEU A 62 -3.51 -5.74 -7.58
CA LEU A 62 -2.45 -5.29 -8.48
C LEU A 62 -2.98 -5.31 -9.91
N ASP A 63 -2.61 -4.31 -10.70
CA ASP A 63 -2.96 -4.31 -12.13
C ASP A 63 -1.82 -4.88 -12.96
N SER A 64 -2.11 -5.20 -14.22
CA SER A 64 -1.14 -5.78 -15.14
C SER A 64 0.14 -4.96 -15.22
N GLY A 65 -0.01 -3.63 -15.20
CA GLY A 65 1.14 -2.73 -15.19
C GLY A 65 2.21 -3.20 -14.22
N THR A 66 1.77 -3.49 -12.99
CA THR A 66 2.67 -3.93 -11.91
C THR A 66 2.84 -5.46 -11.87
N LEU A 67 1.79 -6.22 -12.13
CA LEU A 67 1.85 -7.69 -12.07
C LEU A 67 2.69 -8.34 -13.17
N THR A 68 2.54 -7.85 -14.40
CA THR A 68 3.21 -8.44 -15.56
C THR A 68 4.72 -8.54 -15.35
N PRO A 69 5.39 -7.43 -14.99
CA PRO A 69 6.82 -7.51 -14.69
C PRO A 69 7.15 -8.41 -13.50
N LEU A 70 6.27 -8.41 -12.50
CA LEU A 70 6.48 -9.18 -11.29
C LEU A 70 6.49 -10.67 -11.62
N LEU A 71 5.47 -11.11 -12.36
CA LEU A 71 5.34 -12.53 -12.72
C LEU A 71 6.53 -13.02 -13.54
N LYS A 72 6.95 -12.27 -14.55
CA LYS A 72 8.10 -12.69 -15.37
C LYS A 72 9.36 -12.79 -14.52
N LYS A 73 9.47 -11.93 -13.51
CA LYS A 73 10.58 -11.99 -12.56
C LYS A 73 10.51 -13.23 -11.67
N LEU A 74 9.31 -13.57 -11.19
CA LEU A 74 9.14 -14.80 -10.41
C LEU A 74 9.31 -16.02 -11.31
N GLU A 75 8.90 -15.90 -12.57
CA GLU A 75 9.02 -17.02 -13.52
C GLU A 75 10.48 -17.31 -13.87
N LYS A 76 11.31 -16.28 -13.97
CA LYS A 76 12.74 -16.48 -14.22
C LYS A 76 13.48 -16.95 -12.97
N LYS A 77 12.87 -16.76 -11.80
CA LYS A 77 13.40 -17.35 -10.56
C LYS A 77 12.92 -18.78 -10.39
N ASP A 78 11.99 -19.20 -11.23
CA ASP A 78 11.45 -20.57 -11.26
C ASP A 78 10.47 -20.86 -10.13
N TYR A 79 9.72 -19.83 -9.72
CA TYR A 79 8.67 -19.98 -8.70
C TYR A 79 7.29 -20.10 -9.35
N VAL A 80 7.12 -19.55 -10.55
CA VAL A 80 5.84 -19.61 -11.26
C VAL A 80 6.03 -20.08 -12.70
N VAL A 81 4.96 -20.64 -13.29
CA VAL A 81 4.91 -20.96 -14.71
C VAL A 81 3.57 -20.51 -15.33
N ARG A 82 3.65 -20.06 -16.58
CA ARG A 82 2.48 -19.62 -17.32
C ARG A 82 2.10 -20.66 -18.37
N THR A 83 0.84 -21.10 -18.33
CA THR A 83 0.34 -22.12 -19.27
C THR A 83 -1.06 -21.78 -19.77
N ARG A 84 -1.37 -22.24 -20.98
CA ARG A 84 -2.71 -22.11 -21.55
C ARG A 84 -3.38 -23.46 -21.52
N GLU A 85 -4.62 -23.50 -21.05
CA GLU A 85 -5.39 -24.73 -21.03
C GLU A 85 -5.86 -25.05 -22.45
N GLU A 86 -5.78 -26.32 -22.84
CA GLU A 86 -6.15 -26.74 -24.19
C GLU A 86 -7.63 -26.52 -24.48
N LYS A 87 -8.47 -26.59 -23.44
CA LYS A 87 -9.91 -26.33 -23.55
C LYS A 87 -10.23 -24.90 -24.01
N ASP A 88 -9.41 -23.94 -23.60
CA ASP A 88 -9.54 -22.56 -24.06
C ASP A 88 -8.19 -21.85 -23.91
N GLU A 89 -7.44 -21.80 -25.01
CA GLU A 89 -6.09 -21.24 -25.03
C GLU A 89 -6.08 -19.71 -24.87
N ARG A 90 -7.20 -19.04 -25.11
CA ARG A 90 -7.29 -17.60 -24.88
C ARG A 90 -6.97 -17.28 -23.42
N ASN A 91 -7.29 -18.22 -22.52
CA ASN A 91 -7.04 -18.04 -21.10
C ASN A 91 -5.60 -18.39 -20.68
N LEU A 92 -4.78 -17.36 -20.46
CA LEU A 92 -3.40 -17.54 -20.01
C LEU A 92 -3.39 -17.75 -18.49
N GLN A 93 -3.10 -18.98 -18.06
CA GLN A 93 -3.08 -19.32 -16.63
C GLN A 93 -1.70 -19.12 -16.03
N ILE A 94 -1.68 -18.82 -14.73
CA ILE A 94 -0.46 -18.80 -13.94
C ILE A 94 -0.62 -19.77 -12.76
N SER A 95 0.47 -20.45 -12.43
CA SER A 95 0.51 -21.45 -11.36
C SER A 95 1.91 -21.52 -10.78
N LEU A 96 2.07 -22.22 -9.66
CA LEU A 96 3.36 -22.30 -8.98
C LEU A 96 4.16 -23.46 -9.50
N THR A 97 5.48 -23.28 -9.59
CA THR A 97 6.39 -24.38 -9.88
C THR A 97 6.57 -25.20 -8.61
N GLU A 98 7.42 -26.22 -8.68
CA GLU A 98 7.73 -27.07 -7.52
C GLU A 98 8.54 -26.34 -6.46
N GLN A 99 9.54 -25.56 -6.86
N GLN A 99 9.52 -25.56 -6.91
CA GLN A 99 10.32 -24.80 -5.88
CA GLN A 99 10.37 -24.76 -6.04
C GLN A 99 9.66 -23.46 -5.50
C GLN A 99 9.65 -23.50 -5.52
N GLY A 100 8.62 -23.07 -6.25
CA GLY A 100 7.77 -21.95 -5.86
C GLY A 100 6.82 -22.33 -4.74
N LYS A 101 6.29 -23.56 -4.78
CA LYS A 101 5.49 -24.08 -3.66
C LYS A 101 6.35 -24.52 -2.47
N ALA A 102 7.65 -24.69 -2.70
CA ALA A 102 8.58 -25.14 -1.65
C ALA A 102 8.91 -24.03 -0.65
N ILE A 103 9.58 -22.96 -1.10
CA ILE A 103 10.03 -21.90 -0.18
C ILE A 103 8.93 -21.05 0.45
N LYS A 104 7.67 -21.29 0.10
CA LYS A 104 6.55 -20.76 0.86
C LYS A 104 6.52 -21.30 2.30
N SER A 105 7.31 -22.33 2.59
CA SER A 105 7.40 -22.86 3.96
C SER A 105 8.19 -21.94 4.92
N PRO A 106 9.42 -21.52 4.56
CA PRO A 106 10.14 -20.56 5.42
C PRO A 106 9.56 -19.13 5.41
N LEU A 107 8.91 -18.74 4.31
CA LEU A 107 8.27 -17.43 4.21
C LEU A 107 7.07 -17.31 5.14
N ALA A 108 6.34 -18.41 5.31
CA ALA A 108 5.18 -18.45 6.21
C ALA A 108 5.53 -18.17 7.68
N GLU A 109 6.82 -18.19 8.01
CA GLU A 109 7.27 -17.92 9.36
C GLU A 109 7.40 -16.42 9.66
N ILE A 110 7.45 -15.60 8.60
CA ILE A 110 7.75 -14.17 8.73
C ILE A 110 6.66 -13.35 9.43
N SER A 111 5.39 -13.64 9.16
CA SER A 111 4.32 -12.77 9.65
C SER A 111 4.32 -12.71 11.17
N VAL A 112 4.59 -13.83 11.84
CA VAL A 112 4.59 -13.87 13.31
C VAL A 112 5.67 -12.95 13.83
N LYS A 113 6.82 -12.97 13.16
CA LYS A 113 7.97 -12.18 13.58
C LYS A 113 7.67 -10.70 13.40
N VAL A 114 7.09 -10.35 12.26
CA VAL A 114 6.77 -8.96 11.97
C VAL A 114 5.81 -8.38 12.99
N PHE A 115 4.66 -9.01 13.17
CA PHE A 115 3.66 -8.45 14.06
C PHE A 115 4.01 -8.56 15.55
N ASN A 116 4.88 -9.51 15.93
CA ASN A 116 5.43 -9.55 17.29
C ASN A 116 6.15 -8.25 17.64
N GLU A 117 6.76 -7.61 16.65
CA GLU A 117 7.55 -6.40 16.87
C GLU A 117 6.74 -5.22 17.38
N PHE A 118 5.45 -5.18 17.06
CA PHE A 118 4.59 -4.11 17.53
C PHE A 118 4.23 -4.27 19.01
N ASN A 119 4.42 -5.47 19.54
CA ASN A 119 4.24 -5.73 20.98
C ASN A 119 2.87 -5.32 21.48
N ILE A 120 1.85 -5.88 20.85
CA ILE A 120 0.50 -5.70 21.34
C ILE A 120 0.02 -7.00 21.98
N SER A 121 -0.93 -6.88 22.90
CA SER A 121 -1.49 -8.04 23.59
C SER A 121 -2.40 -8.85 22.66
N GLU A 122 -2.67 -10.10 23.03
CA GLU A 122 -3.60 -10.92 22.26
C GLU A 122 -5.02 -10.31 22.19
N ARG A 123 -5.41 -9.60 23.25
CA ARG A 123 -6.70 -8.92 23.29
C ARG A 123 -6.74 -7.76 22.29
N GLU A 124 -5.66 -6.96 22.30
CA GLU A 124 -5.48 -5.84 21.35
C GLU A 124 -5.43 -6.35 19.92
N ALA A 125 -4.65 -7.39 19.66
CA ALA A 125 -4.59 -8.01 18.34
C ALA A 125 -5.97 -8.53 17.90
N SER A 126 -6.67 -9.21 18.80
CA SER A 126 -7.98 -9.75 18.49
C SER A 126 -8.96 -8.60 18.21
N ASP A 127 -8.81 -7.48 18.92
CA ASP A 127 -9.72 -6.35 18.73
C ASP A 127 -9.42 -5.64 17.41
N ILE A 128 -8.14 -5.50 17.06
CA ILE A 128 -7.77 -4.94 15.75
C ILE A 128 -8.40 -5.80 14.65
N ILE A 129 -8.20 -7.11 14.78
CA ILE A 129 -8.72 -8.09 13.84
C ILE A 129 -10.23 -7.98 13.66
N ASN A 130 -10.97 -7.98 14.76
CA ASN A 130 -12.41 -7.82 14.73
C ASN A 130 -12.82 -6.50 14.05
N ASN A 131 -12.13 -5.41 14.38
CA ASN A 131 -12.51 -4.11 13.81
C ASN A 131 -12.21 -4.02 12.31
N LEU A 132 -11.07 -4.54 11.89
CA LEU A 132 -10.72 -4.54 10.47
C LEU A 132 -11.56 -5.52 9.67
N ARG A 133 -11.98 -6.61 10.30
CA ARG A 133 -12.84 -7.57 9.64
C ARG A 133 -14.20 -6.93 9.33
N ASN A 134 -14.73 -6.19 10.29
CA ASN A 134 -15.94 -5.41 10.10
C ASN A 134 -15.79 -4.35 8.97
N PHE A 135 -14.67 -3.65 8.97
CA PHE A 135 -14.35 -2.61 7.94
C PHE A 135 -14.36 -3.16 6.51
N VAL A 136 -13.52 -4.16 6.29
CA VAL A 136 -13.36 -4.82 4.99
C VAL A 136 -14.63 -5.51 4.43
N SER A 137 -15.53 -5.95 5.31
CA SER A 137 -16.59 -6.89 4.91
C SER A 137 -17.67 -6.26 4.04
N LYS A 138 -17.77 -4.93 4.05
CA LYS A 138 -18.72 -4.26 3.18
C LYS A 138 -18.06 -3.80 1.87
N ASN A 139 -16.76 -4.05 1.73
CA ASN A 139 -16.02 -3.79 0.49
C ASN A 139 -16.13 -2.34 0.03
N GLY B 1 -5.22 -17.60 18.33
CA GLY B 1 -4.69 -17.67 19.72
C GLY B 1 -3.18 -17.82 19.77
N SER B 2 -2.67 -18.79 19.01
CA SER B 2 -1.24 -18.82 18.70
C SER B 2 -0.98 -17.53 17.97
N HIS B 3 0.26 -17.06 18.06
CA HIS B 3 0.59 -15.81 17.42
C HIS B 3 0.68 -16.00 15.92
N MET B 4 0.84 -17.25 15.47
CA MET B 4 0.86 -17.55 14.04
C MET B 4 -0.48 -17.22 13.40
N TYR B 5 -1.57 -17.69 14.01
CA TYR B 5 -2.89 -17.43 13.46
C TYR B 5 -3.28 -15.95 13.49
N LEU B 6 -3.06 -15.29 14.63
CA LEU B 6 -3.37 -13.89 14.74
C LEU B 6 -2.56 -13.08 13.70
N SER B 7 -1.28 -13.42 13.55
CA SER B 7 -0.40 -12.70 12.61
C SER B 7 -0.85 -12.86 11.16
N LYS B 8 -1.37 -14.03 10.80
CA LYS B 8 -1.88 -14.24 9.45
C LYS B 8 -3.16 -13.43 9.20
N GLN B 9 -3.98 -13.27 10.24
CA GLN B 9 -5.21 -12.46 10.17
C GLN B 9 -4.90 -10.98 10.08
N LEU B 10 -3.99 -10.54 10.94
CA LEU B 10 -3.48 -9.18 10.88
C LEU B 10 -2.86 -8.90 9.50
N GLU B 11 -2.06 -9.82 8.98
CA GLU B 11 -1.43 -9.62 7.66
C GLU B 11 -2.50 -9.40 6.58
N PHE B 12 -3.46 -10.32 6.56
CA PHE B 12 -4.52 -10.30 5.57
C PHE B 12 -5.34 -9.02 5.66
N LEU B 13 -5.78 -8.70 6.88
CA LEU B 13 -6.71 -7.61 7.08
C LEU B 13 -6.08 -6.25 6.87
N PHE B 14 -4.84 -6.06 7.32
CA PHE B 14 -4.16 -4.81 7.01
C PHE B 14 -3.96 -4.66 5.50
N TYR B 15 -3.55 -5.73 4.82
CA TYR B 15 -3.32 -5.69 3.38
C TYR B 15 -4.61 -5.30 2.61
N VAL B 16 -5.68 -6.03 2.87
CA VAL B 16 -6.95 -5.79 2.15
C VAL B 16 -7.55 -4.41 2.50
N SER B 17 -7.51 -4.06 3.78
CA SER B 17 -7.93 -2.75 4.26
C SER B 17 -7.31 -1.62 3.47
N SER B 18 -5.98 -1.59 3.50
CA SER B 18 -5.26 -0.51 2.87
C SER B 18 -5.47 -0.50 1.35
N LYS B 19 -5.55 -1.67 0.74
CA LYS B 19 -5.76 -1.77 -0.70
C LYS B 19 -7.18 -1.32 -1.10
N GLU B 20 -8.17 -1.63 -0.29
CA GLU B 20 -9.55 -1.20 -0.57
C GLU B 20 -9.67 0.30 -0.42
N ILE B 21 -9.01 0.85 0.59
CA ILE B 21 -8.93 2.30 0.78
C ILE B 21 -8.30 3.00 -0.44
N ILE B 22 -7.12 2.53 -0.84
CA ILE B 22 -6.39 3.10 -1.94
C ILE B 22 -7.16 3.02 -3.25
N LYS B 23 -7.84 1.91 -3.48
CA LYS B 23 -8.66 1.76 -4.68
C LYS B 23 -9.73 2.86 -4.77
N LYS B 24 -10.34 3.19 -3.63
CA LYS B 24 -11.35 4.25 -3.61
C LYS B 24 -10.72 5.61 -3.87
N TYR B 25 -9.59 5.92 -3.21
CA TYR B 25 -8.86 7.15 -3.52
C TYR B 25 -8.51 7.30 -5.02
N THR B 26 -7.97 6.23 -5.60
CA THR B 26 -7.59 6.23 -7.01
C THR B 26 -8.78 6.57 -7.94
N ASN B 27 -9.95 6.05 -7.61
N ASN B 27 -9.96 6.06 -7.62
CA ASN B 27 -11.17 6.33 -8.38
CA ASN B 27 -11.15 6.36 -8.42
C ASN B 27 -11.53 7.82 -8.35
C ASN B 27 -11.56 7.83 -8.35
N TYR B 28 -11.47 8.44 -7.17
CA TYR B 28 -11.77 9.89 -7.02
C TYR B 28 -10.71 10.79 -7.65
N LEU B 29 -9.49 10.31 -7.66
CA LEU B 29 -8.33 11.09 -8.04
C LEU B 29 -8.08 11.08 -9.53
N LYS B 30 -8.59 10.06 -10.21
CA LYS B 30 -8.31 9.87 -11.63
C LYS B 30 -8.69 11.09 -12.45
N GLU B 31 -9.81 11.72 -12.13
CA GLU B 31 -10.22 12.92 -12.87
C GLU B 31 -9.33 14.14 -12.63
N TYR B 32 -8.47 14.07 -11.61
CA TYR B 32 -7.44 15.10 -11.37
C TYR B 32 -6.10 14.76 -12.02
N ASP B 33 -6.04 13.68 -12.79
CA ASP B 33 -4.77 13.15 -13.30
C ASP B 33 -3.78 12.96 -12.15
N LEU B 34 -4.27 12.45 -11.03
CA LEU B 34 -3.41 12.18 -9.90
C LEU B 34 -3.49 10.74 -9.50
N THR B 35 -2.38 10.21 -9.02
CA THR B 35 -2.34 8.93 -8.30
C THR B 35 -2.47 9.20 -6.80
N TYR B 36 -2.81 8.16 -6.05
CA TYR B 36 -2.90 8.22 -4.59
C TYR B 36 -1.62 8.75 -3.96
N THR B 37 -0.48 8.27 -4.45
CA THR B 37 0.80 8.72 -3.95
C THR B 37 1.06 10.18 -4.27
N GLY B 38 0.66 10.64 -5.46
CA GLY B 38 0.76 12.04 -5.83
C GLY B 38 -0.09 12.93 -4.94
N TYR B 39 -1.31 12.48 -4.67
CA TYR B 39 -2.18 13.11 -3.67
C TYR B 39 -1.46 13.27 -2.31
N ILE B 40 -0.85 12.20 -1.80
CA ILE B 40 -0.20 12.20 -0.47
C ILE B 40 0.90 13.25 -0.41
N VAL B 41 1.72 13.31 -1.46
CA VAL B 41 2.76 14.30 -1.56
C VAL B 41 2.22 15.73 -1.57
N LEU B 42 1.22 16.01 -2.40
CA LEU B 42 0.70 17.39 -2.45
C LEU B 42 0.15 17.81 -1.10
N MET B 43 -0.53 16.90 -0.42
CA MET B 43 -1.12 17.20 0.87
C MET B 43 -0.06 17.38 1.97
N ALA B 44 1.08 16.73 1.81
CA ALA B 44 2.16 16.78 2.80
C ALA B 44 2.98 18.06 2.73
N ILE B 45 2.96 18.77 1.62
CA ILE B 45 3.76 19.95 1.45
C ILE B 45 2.92 21.11 1.87
N GLU B 46 3.44 21.86 2.82
CA GLU B 46 2.61 22.80 3.51
C GLU B 46 2.45 24.16 2.90
N ASN B 47 2.24 24.26 1.58
CA ASN B 47 1.77 25.57 1.12
C ASN B 47 2.63 26.80 1.04
N ASP B 48 3.15 27.29 2.16
CA ASP B 48 4.21 28.29 2.01
C ASP B 48 5.60 27.67 2.06
N GLU B 49 5.66 26.34 2.05
CA GLU B 49 6.89 25.63 2.39
C GLU B 49 7.78 25.30 1.20
N LYS B 50 9.08 25.44 1.43
CA LYS B 50 10.12 24.96 0.53
C LYS B 50 10.81 23.82 1.26
N LEU B 51 11.03 22.70 0.59
CA LEU B 51 11.76 21.61 1.22
C LEU B 51 12.50 20.71 0.25
N ASN B 52 13.48 20.04 0.84
CA ASN B 52 14.36 19.13 0.15
C ASN B 52 13.67 17.81 -0.19
N ILE B 53 14.07 17.21 -1.32
CA ILE B 53 13.58 15.89 -1.72
C ILE B 53 13.81 14.82 -0.65
N LYS B 54 14.90 14.92 0.09
CA LYS B 54 15.17 13.95 1.16
C LYS B 54 14.23 14.16 2.36
N LYS B 55 13.96 15.42 2.70
CA LYS B 55 13.06 15.71 3.84
C LYS B 55 11.63 15.32 3.49
N LEU B 56 11.24 15.53 2.24
CA LEU B 56 9.90 15.16 1.78
C LEU B 56 9.71 13.65 1.80
N GLY B 57 10.72 12.91 1.35
CA GLY B 57 10.69 11.45 1.39
C GLY B 57 10.54 10.86 2.78
N GLU B 58 11.14 11.54 3.76
CA GLU B 58 11.02 11.14 5.16
C GLU B 58 9.63 11.40 5.73
N ARG B 59 9.06 12.56 5.44
CA ARG B 59 7.71 12.91 5.88
C ARG B 59 6.63 11.94 5.35
N VAL B 60 6.86 11.45 4.13
CA VAL B 60 5.90 10.68 3.37
C VAL B 60 6.33 9.19 3.24
N PHE B 61 7.51 8.85 3.73
CA PHE B 61 8.00 7.47 3.76
C PHE B 61 8.14 6.87 2.36
N LEU B 62 8.65 7.66 1.43
CA LEU B 62 9.00 7.18 0.10
C LEU B 62 10.48 7.43 -0.10
N ASP B 63 11.13 6.51 -0.82
CA ASP B 63 12.53 6.69 -1.20
C ASP B 63 12.63 7.58 -2.45
N SER B 64 13.85 8.00 -2.77
CA SER B 64 14.08 8.89 -3.91
C SER B 64 13.78 8.20 -5.24
N GLY B 65 13.89 6.88 -5.26
CA GLY B 65 13.54 6.09 -6.43
C GLY B 65 12.10 6.33 -6.83
N THR B 66 11.19 6.32 -5.85
CA THR B 66 9.77 6.57 -6.12
C THR B 66 9.46 8.06 -6.27
N LEU B 67 9.92 8.87 -5.33
CA LEU B 67 9.64 10.32 -5.35
C LEU B 67 10.09 11.04 -6.62
N THR B 68 11.30 10.73 -7.08
CA THR B 68 11.90 11.50 -8.18
C THR B 68 11.03 11.55 -9.43
N PRO B 69 10.68 10.39 -10.02
CA PRO B 69 9.76 10.45 -11.17
C PRO B 69 8.36 10.98 -10.82
N LEU B 70 7.90 10.74 -9.61
CA LEU B 70 6.61 11.32 -9.19
C LEU B 70 6.61 12.84 -9.24
N LEU B 71 7.66 13.46 -8.69
CA LEU B 71 7.80 14.91 -8.70
C LEU B 71 7.83 15.53 -10.10
N LYS B 72 8.52 14.87 -11.04
CA LYS B 72 8.54 15.31 -12.44
C LYS B 72 7.14 15.29 -13.04
N LYS B 73 6.40 14.23 -12.73
CA LYS B 73 4.99 14.12 -13.12
C LYS B 73 4.19 15.31 -12.58
N LEU B 74 4.36 15.59 -11.29
CA LEU B 74 3.65 16.71 -10.64
C LEU B 74 4.13 18.05 -11.20
N GLU B 75 5.42 18.14 -11.49
CA GLU B 75 6.01 19.32 -12.10
C GLU B 75 5.42 19.56 -13.50
N LYS B 76 5.27 18.47 -14.27
CA LYS B 76 4.63 18.56 -15.59
C LYS B 76 3.22 19.11 -15.51
N LYS B 77 2.44 18.61 -14.54
CA LYS B 77 1.08 19.09 -14.30
C LYS B 77 1.02 20.48 -13.66
N ASP B 78 2.17 21.03 -13.32
CA ASP B 78 2.30 22.37 -12.76
C ASP B 78 1.69 22.49 -11.35
N TYR B 79 1.74 21.40 -10.58
CA TYR B 79 1.31 21.43 -9.19
C TYR B 79 2.49 21.69 -8.24
N VAL B 80 3.70 21.33 -8.67
CA VAL B 80 4.91 21.51 -7.87
C VAL B 80 5.93 22.25 -8.72
N VAL B 81 6.84 22.98 -8.07
CA VAL B 81 7.98 23.58 -8.78
C VAL B 81 9.28 22.97 -8.25
N ARG B 82 10.07 22.42 -9.17
CA ARG B 82 11.36 21.80 -8.85
C ARG B 82 12.47 22.77 -9.22
N THR B 83 12.99 23.48 -8.22
CA THR B 83 14.02 24.50 -8.44
C THR B 83 15.38 23.97 -7.99
N ARG B 84 16.35 23.97 -8.92
CA ARG B 84 17.71 23.51 -8.61
C ARG B 84 18.45 24.62 -7.86
N GLU B 85 19.21 24.23 -6.84
CA GLU B 85 19.93 25.20 -6.03
C GLU B 85 21.09 25.80 -6.81
N GLU B 86 21.54 26.98 -6.38
CA GLU B 86 22.53 27.77 -7.11
C GLU B 86 23.88 27.05 -7.19
N LYS B 87 24.45 26.72 -6.03
CA LYS B 87 25.78 26.11 -5.96
C LYS B 87 25.75 24.67 -6.46
N ASP B 88 24.95 23.83 -5.80
CA ASP B 88 24.78 22.43 -6.18
C ASP B 88 23.52 22.29 -7.01
N GLU B 89 23.68 22.17 -8.33
CA GLU B 89 22.54 22.00 -9.23
C GLU B 89 21.89 20.62 -9.05
N ARG B 90 22.65 19.65 -8.55
CA ARG B 90 22.13 18.33 -8.16
C ARG B 90 20.99 18.49 -7.16
N ASN B 91 21.20 19.34 -6.14
CA ASN B 91 20.25 19.54 -5.06
C ASN B 91 18.99 20.32 -5.48
N LEU B 92 17.83 19.74 -5.18
CA LEU B 92 16.55 20.29 -5.61
C LEU B 92 15.71 20.78 -4.43
N GLN B 93 15.08 21.94 -4.63
CA GLN B 93 14.06 22.44 -3.69
C GLN B 93 12.70 22.16 -4.31
N ILE B 94 11.74 21.79 -3.45
CA ILE B 94 10.37 21.48 -3.87
C ILE B 94 9.41 22.42 -3.15
N SER B 95 8.47 22.97 -3.89
CA SER B 95 7.41 23.78 -3.28
C SER B 95 6.16 23.71 -4.15
N LEU B 96 5.03 24.12 -3.59
CA LEU B 96 3.78 24.14 -4.34
C LEU B 96 3.70 25.35 -5.26
N THR B 97 3.19 25.13 -6.46
CA THR B 97 2.82 26.20 -7.37
C THR B 97 1.50 26.80 -6.90
N GLU B 98 1.04 27.80 -7.64
CA GLU B 98 -0.25 28.44 -7.32
C GLU B 98 -1.43 27.47 -7.47
N GLN B 99 -1.47 26.72 -8.56
N GLN B 99 -1.45 26.74 -8.57
CA GLN B 99 -2.58 25.77 -8.77
CA GLN B 99 -2.51 25.77 -8.85
C GLN B 99 -2.41 24.54 -7.89
C GLN B 99 -2.40 24.55 -7.92
N GLY B 100 -1.17 24.16 -7.61
CA GLY B 100 -0.90 23.09 -6.65
C GLY B 100 -1.47 23.46 -5.30
N LYS B 101 -1.34 24.74 -4.96
CA LYS B 101 -1.90 25.29 -3.74
C LYS B 101 -3.42 25.27 -3.78
N ALA B 102 -3.98 25.63 -4.94
CA ALA B 102 -5.41 25.73 -5.11
C ALA B 102 -6.11 24.36 -5.09
N ILE B 103 -5.59 23.37 -5.82
CA ILE B 103 -6.29 22.07 -5.93
C ILE B 103 -6.27 21.25 -4.64
N LYS B 104 -5.40 21.63 -3.70
CA LYS B 104 -5.56 21.17 -2.33
C LYS B 104 -6.84 21.84 -1.87
N SER B 105 -7.59 21.19 -1.01
CA SER B 105 -8.89 21.75 -0.60
C SER B 105 -10.06 21.46 -1.57
N PRO B 106 -9.82 20.96 -2.81
CA PRO B 106 -10.99 20.22 -3.35
C PRO B 106 -10.48 18.83 -2.96
N LEU B 107 -9.20 18.57 -3.17
CA LEU B 107 -8.59 17.29 -2.78
C LEU B 107 -8.86 16.92 -1.32
N ALA B 108 -8.96 17.95 -0.47
CA ALA B 108 -9.23 17.76 0.94
C ALA B 108 -10.64 17.26 1.21
N GLU B 109 -11.50 17.29 0.20
CA GLU B 109 -12.83 16.71 0.32
C GLU B 109 -12.83 15.18 0.19
N ILE B 110 -11.79 14.64 -0.44
CA ILE B 110 -11.82 13.23 -0.86
C ILE B 110 -11.83 12.20 0.29
N SER B 111 -11.12 12.50 1.39
CA SER B 111 -10.97 11.53 2.50
C SER B 111 -12.33 11.21 3.10
N VAL B 112 -13.15 12.25 3.27
CA VAL B 112 -14.51 12.07 3.79
C VAL B 112 -15.29 11.13 2.88
N LYS B 113 -15.23 11.39 1.59
CA LYS B 113 -15.98 10.58 0.62
C LYS B 113 -15.51 9.13 0.61
N VAL B 114 -14.20 8.90 0.64
CA VAL B 114 -13.68 7.53 0.65
C VAL B 114 -14.20 6.80 1.89
N PHE B 115 -13.99 7.36 3.07
CA PHE B 115 -14.31 6.63 4.29
C PHE B 115 -15.79 6.48 4.57
N ASN B 116 -16.62 7.42 4.08
CA ASN B 116 -18.09 7.27 4.18
C ASN B 116 -18.57 6.05 3.39
N GLU B 117 -17.83 5.66 2.35
CA GLU B 117 -18.19 4.47 1.59
C GLU B 117 -18.09 3.16 2.38
N PHE B 118 -17.35 3.16 3.50
CA PHE B 118 -17.21 1.95 4.30
C PHE B 118 -18.38 1.82 5.27
N ASN B 119 -19.08 2.92 5.49
CA ASN B 119 -20.28 2.97 6.33
C ASN B 119 -20.10 2.38 7.72
N ILE B 120 -19.14 2.97 8.44
CA ILE B 120 -18.90 2.66 9.85
C ILE B 120 -19.36 3.83 10.70
N SER B 121 -19.81 3.54 11.93
CA SER B 121 -20.23 4.57 12.85
C SER B 121 -19.03 5.39 13.33
N GLU B 122 -19.29 6.55 13.91
CA GLU B 122 -18.21 7.34 14.52
C GLU B 122 -17.51 6.54 15.62
N ARG B 123 -18.27 5.72 16.33
CA ARG B 123 -17.75 4.84 17.37
C ARG B 123 -16.82 3.76 16.80
N GLU B 124 -17.23 3.13 15.70
CA GLU B 124 -16.39 2.11 15.07
C GLU B 124 -15.13 2.78 14.55
N ALA B 125 -15.28 3.98 13.97
CA ALA B 125 -14.14 4.71 13.45
C ALA B 125 -13.17 5.11 14.55
N SER B 126 -13.70 5.60 15.69
CA SER B 126 -12.89 5.90 16.89
C SER B 126 -12.16 4.68 17.45
N ASP B 127 -12.81 3.51 17.41
CA ASP B 127 -12.15 2.27 17.83
C ASP B 127 -10.99 1.93 16.89
N ILE B 128 -11.22 2.01 15.58
CA ILE B 128 -10.16 1.74 14.64
C ILE B 128 -9.00 2.72 14.81
N ILE B 129 -9.31 4.00 14.99
CA ILE B 129 -8.27 5.01 15.23
C ILE B 129 -7.42 4.67 16.48
N ASN B 130 -8.09 4.36 17.58
CA ASN B 130 -7.42 3.99 18.84
C ASN B 130 -6.61 2.70 18.68
N ASN B 131 -7.16 1.72 17.95
CA ASN B 131 -6.44 0.50 17.62
C ASN B 131 -5.13 0.80 16.87
N LEU B 132 -5.24 1.60 15.82
CA LEU B 132 -4.13 1.84 14.91
C LEU B 132 -3.10 2.79 15.50
N ARG B 133 -3.56 3.72 16.34
CA ARG B 133 -2.67 4.67 17.02
C ARG B 133 -1.76 3.95 17.98
N ASN B 134 -2.37 3.11 18.82
CA ASN B 134 -1.62 2.27 19.72
C ASN B 134 -0.70 1.32 18.96
N PHE B 135 -1.18 0.85 17.82
CA PHE B 135 -0.41 -0.03 16.96
C PHE B 135 0.85 0.66 16.44
N VAL B 136 0.72 1.91 16.01
CA VAL B 136 1.82 2.73 15.47
C VAL B 136 2.78 3.28 16.56
N SER B 137 2.48 3.02 17.83
CA SER B 137 3.39 3.34 18.93
C SER B 137 4.38 2.20 19.14
C1 GOL C . 1.03 11.12 5.75
O1 GOL C . 1.98 11.79 4.93
C2 GOL C . -0.34 11.02 5.06
O2 GOL C . -0.52 12.02 4.06
C3 GOL C . -1.45 11.23 6.08
O3 GOL C . -2.76 11.13 5.53
C1 GOL D . 1.22 -8.80 18.49
O1 GOL D . 2.47 -8.13 18.70
C2 GOL D . 1.36 -10.32 18.36
O2 GOL D . 2.17 -10.68 17.22
C3 GOL D . -0.05 -10.92 18.19
O3 GOL D . -0.25 -11.29 16.82
C1 GOL E . -17.30 8.16 10.38
O1 GOL E . -18.59 7.55 10.46
C2 GOL E . -16.77 8.05 8.95
O2 GOL E . -16.09 6.79 8.80
C3 GOL E . -15.79 9.17 8.58
O3 GOL E . -15.85 9.45 7.17
#